data_1NOQ
#
_entry.id   1NOQ
#
_entity_poly.entity_id   1
_entity_poly.type   'polydeoxyribonucleotide'
_entity_poly.pdbx_seq_one_letter_code
;(DC)(DC)(DG)(DC)(DC)(DG)
;
_entity_poly.pdbx_strand_id   A,B
#
loop_
_chem_comp.id
_chem_comp.type
_chem_comp.name
_chem_comp.formula
DC DNA linking 2'-DEOXYCYTIDINE-5'-MONOPHOSPHATE 'C9 H14 N3 O7 P'
DG DNA linking 2'-DEOXYGUANOSINE-5'-MONOPHOSPHATE 'C10 H14 N5 O7 P'
#